data_4LD0
#
_entry.id   4LD0
#
_cell.length_a   106.356
_cell.length_b   106.356
_cell.length_c   132.653
_cell.angle_alpha   90.00
_cell.angle_beta   90.00
_cell.angle_gamma   120.00
#
_symmetry.space_group_name_H-M   'P 32 2 1'
#
loop_
_entity.id
_entity.type
_entity.pdbx_description
1 polymer 'Crossover junction endodeoxyribonuclease RuvC'
2 polymer 'DNA 31-MER'
3 polymer 'DNA 13-MER'
4 polymer 'DNA 11-MER'
#
loop_
_entity_poly.entity_id
_entity_poly.type
_entity_poly.pdbx_seq_one_letter_code
_entity_poly.pdbx_strand_id
1 'polypeptide(L)'
;GPHMVVAGIDPGITHLGLGVVAVEGKGALKARLLHGEVVKTSPQEPAKERVGRIHARVLEVLHRFRPEAVAVQEQFFYRQ
NELAYKVGWALGAVLVAAFEAGVPVYAYGPMQVKQALAGHGHAAKEEVALMVRGILGLKEAPRPSHLADALAIALTHAFY
ARMGTAKPL
;
A,B
2 'polydeoxyribonucleotide'
;(DC)(DA)(DA)(DT)(DC)(DG)(DG)(DC)(DT)(DT)(DT)(DG)(DA)(DC)(DC)(DT)(DT)(DT)(DG)(DG)
(DT)(DC)(DA)(DA)(DT)(DC)(DG)(DG)(DC)(DA)(DG)
;
C
3 'polydeoxyribonucleotide' (DA)(DT)(DC)(DT)(DG)(DC)(DC)(DG)(DA)(DT)(DT)(DC)(DT) D
4 'polydeoxyribonucleotide' (DG)(DA)(DA)(DA)(DG)(DC)(DC)(DG)(DA)(DT)(DT) F
#
loop_
_chem_comp.id
_chem_comp.type
_chem_comp.name
_chem_comp.formula
DA DNA linking 2'-DEOXYADENOSINE-5'-MONOPHOSPHATE 'C10 H14 N5 O6 P'
DC DNA linking 2'-DEOXYCYTIDINE-5'-MONOPHOSPHATE 'C9 H14 N3 O7 P'
DG DNA linking 2'-DEOXYGUANOSINE-5'-MONOPHOSPHATE 'C10 H14 N5 O7 P'
DT DNA linking THYMIDINE-5'-MONOPHOSPHATE 'C10 H15 N2 O8 P'
#
# COMPACT_ATOMS: atom_id res chain seq x y z
N MET A 4 -8.82 -7.64 26.41
CA MET A 4 -8.13 -7.90 25.16
C MET A 4 -8.59 -6.88 24.11
N VAL A 5 -7.70 -6.02 23.62
CA VAL A 5 -8.11 -5.02 22.60
C VAL A 5 -7.72 -5.33 21.13
N VAL A 6 -8.71 -5.33 20.25
CA VAL A 6 -8.51 -5.75 18.86
C VAL A 6 -9.08 -4.70 17.89
N ALA A 7 -8.29 -4.33 16.88
CA ALA A 7 -8.76 -3.48 15.78
C ALA A 7 -9.18 -4.29 14.54
N GLY A 8 -10.30 -3.93 13.91
CA GLY A 8 -10.68 -4.61 12.68
C GLY A 8 -10.78 -3.65 11.51
N ILE A 9 -10.36 -4.12 10.34
CA ILE A 9 -10.33 -3.28 9.15
C ILE A 9 -10.86 -3.92 7.87
N ASP A 10 -11.74 -3.19 7.19
CA ASP A 10 -12.22 -3.55 5.86
C ASP A 10 -11.69 -2.58 4.80
N PRO A 11 -10.64 -2.99 4.07
CA PRO A 11 -9.85 -2.13 3.19
C PRO A 11 -10.63 -1.72 1.94
N GLY A 12 -10.39 -0.51 1.47
CA GLY A 12 -10.95 0.00 0.23
C GLY A 12 -10.32 1.34 -0.03
N ILE A 13 -10.27 1.81 -1.27
CA ILE A 13 -9.77 3.16 -1.48
C ILE A 13 -10.89 4.19 -1.26
N THR A 14 -12.13 3.86 -1.60
CA THR A 14 -13.23 4.80 -1.41
C THR A 14 -13.86 4.81 -0.04
N HIS A 15 -14.03 3.64 0.54
CA HIS A 15 -14.57 3.56 1.88
C HIS A 15 -13.68 2.61 2.63
N LEU A 16 -13.15 3.02 3.76
CA LEU A 16 -12.39 2.07 4.55
C LEU A 16 -12.97 1.91 5.95
N GLY A 17 -13.44 0.72 6.26
CA GLY A 17 -14.00 0.49 7.56
C GLY A 17 -12.95 0.25 8.61
N LEU A 18 -13.18 0.85 9.77
CA LEU A 18 -12.21 0.84 10.85
C LEU A 18 -12.91 0.73 12.20
N GLY A 19 -12.75 -0.40 12.87
CA GLY A 19 -13.44 -0.61 14.13
C GLY A 19 -12.48 -1.12 15.18
N VAL A 20 -12.82 -0.94 16.45
CA VAL A 20 -12.00 -1.43 17.57
C VAL A 20 -12.90 -2.06 18.62
N VAL A 21 -12.50 -3.24 19.12
CA VAL A 21 -13.27 -3.92 20.17
C VAL A 21 -12.42 -4.33 21.36
N ALA A 22 -13.05 -4.49 22.51
CA ALA A 22 -12.39 -4.95 23.73
C ALA A 22 -13.02 -6.24 24.27
N VAL A 23 -12.27 -7.34 24.24
CA VAL A 23 -12.88 -8.63 24.52
C VAL A 23 -12.78 -9.01 26.01
N GLU A 24 -13.87 -9.60 26.52
CA GLU A 24 -13.90 -10.18 27.86
C GLU A 24 -12.76 -11.17 28.07
N GLY A 27 -15.08 -16.62 28.16
CA GLY A 27 -15.34 -16.67 26.73
C GLY A 27 -16.08 -17.94 26.29
N ALA A 28 -17.41 -17.97 26.26
CA ALA A 28 -18.37 -16.90 26.60
C ALA A 28 -18.05 -15.59 25.87
N LEU A 29 -17.88 -15.68 24.55
CA LEU A 29 -17.27 -14.60 23.80
C LEU A 29 -18.16 -13.36 23.73
N LYS A 30 -17.65 -12.27 24.27
CA LYS A 30 -18.40 -11.04 24.40
C LYS A 30 -17.45 -9.85 24.38
N ALA A 31 -17.85 -8.75 23.75
CA ALA A 31 -16.95 -7.61 23.64
C ALA A 31 -17.71 -6.30 23.53
N ARG A 32 -17.00 -5.22 23.83
CA ARG A 32 -17.50 -3.85 23.70
C ARG A 32 -16.92 -3.04 22.55
N LEU A 33 -17.79 -2.30 21.87
CA LEU A 33 -17.40 -1.40 20.80
C LEU A 33 -16.73 -0.17 21.40
N LEU A 34 -15.45 -0.01 21.08
CA LEU A 34 -14.69 1.15 21.52
C LEU A 34 -14.67 2.29 20.51
N HIS A 35 -14.70 1.92 19.25
CA HIS A 35 -14.60 2.90 18.19
C HIS A 35 -15.03 2.32 16.86
N GLY A 36 -15.71 3.13 16.06
CA GLY A 36 -16.05 2.74 14.71
C GLY A 36 -16.10 3.93 13.77
N GLU A 37 -15.42 3.86 12.63
CA GLU A 37 -15.56 4.92 11.63
C GLU A 37 -15.33 4.36 10.24
N VAL A 38 -15.73 5.11 9.21
CA VAL A 38 -15.38 4.81 7.83
C VAL A 38 -14.72 5.97 7.12
N VAL A 39 -13.51 5.76 6.64
CA VAL A 39 -12.77 6.77 5.89
C VAL A 39 -13.16 6.88 4.41
N LYS A 40 -13.65 8.05 4.00
CA LYS A 40 -14.14 8.24 2.64
C LYS A 40 -13.17 9.18 1.93
N THR A 41 -12.74 8.78 0.74
CA THR A 41 -11.83 9.57 -0.09
C THR A 41 -12.34 9.57 -1.51
N SER A 42 -11.90 10.51 -2.37
CA SER A 42 -12.59 10.43 -3.65
C SER A 42 -11.60 10.42 -4.79
N PRO A 43 -12.08 9.97 -5.97
CA PRO A 43 -11.22 9.99 -7.14
C PRO A 43 -10.81 11.35 -7.68
N GLN A 44 -11.50 12.39 -7.26
CA GLN A 44 -11.16 13.78 -7.62
C GLN A 44 -10.03 14.31 -6.78
N GLU A 45 -9.66 13.50 -5.81
CA GLU A 45 -8.58 13.85 -4.92
C GLU A 45 -7.32 13.24 -5.52
N PRO A 46 -6.17 13.92 -5.35
CA PRO A 46 -4.91 13.33 -5.81
C PRO A 46 -4.65 12.05 -5.09
N ALA A 47 -4.08 11.07 -5.79
CA ALA A 47 -3.81 9.76 -5.20
C ALA A 47 -3.13 9.89 -3.87
N LYS A 48 -2.13 10.75 -3.82
CA LYS A 48 -1.32 10.90 -2.64
C LYS A 48 -2.11 11.46 -1.45
N GLU A 49 -3.14 12.26 -1.72
CA GLU A 49 -3.97 12.79 -0.65
C GLU A 49 -4.96 11.81 -0.14
N ARG A 50 -5.49 10.94 -1.01
CA ARG A 50 -6.36 9.86 -0.54
C ARG A 50 -5.73 8.94 0.46
N VAL A 51 -4.56 8.44 0.07
CA VAL A 51 -3.83 7.48 0.87
C VAL A 51 -3.24 8.09 2.10
N GLY A 52 -2.70 9.29 1.94
CA GLY A 52 -2.13 10.01 3.06
C GLY A 52 -3.11 10.25 4.18
N ARG A 53 -4.35 10.57 3.84
CA ARG A 53 -5.32 10.80 4.88
C ARG A 53 -5.62 9.49 5.56
N ILE A 54 -5.72 8.44 4.76
CA ILE A 54 -5.89 7.09 5.31
C ILE A 54 -4.82 6.69 6.32
N HIS A 55 -3.56 6.87 5.98
CA HIS A 55 -2.49 6.54 6.88
C HIS A 55 -2.62 7.36 8.17
N ALA A 56 -2.87 8.65 8.03
CA ALA A 56 -2.96 9.52 9.19
C ALA A 56 -4.06 9.15 10.16
N ARG A 57 -5.23 8.82 9.64
CA ARG A 57 -6.34 8.51 10.50
C ARG A 57 -6.03 7.23 11.25
N VAL A 58 -5.53 6.24 10.52
CA VAL A 58 -5.21 4.94 11.12
C VAL A 58 -4.14 5.10 12.19
N LEU A 59 -3.14 5.90 11.88
CA LEU A 59 -2.05 6.05 12.80
C LEU A 59 -2.56 6.75 14.08
N GLU A 60 -3.45 7.74 13.90
CA GLU A 60 -4.02 8.47 15.03
C GLU A 60 -4.79 7.51 15.92
N VAL A 61 -5.57 6.65 15.28
CA VAL A 61 -6.41 5.66 15.98
C VAL A 61 -5.63 4.61 16.76
N LEU A 62 -4.57 4.12 16.16
CA LEU A 62 -3.68 3.15 16.79
C LEU A 62 -3.05 3.76 18.02
N HIS A 63 -2.65 5.02 17.88
CA HIS A 63 -2.05 5.76 18.96
C HIS A 63 -2.99 5.94 20.15
N ARG A 64 -4.24 6.29 19.87
CA ARG A 64 -5.19 6.60 20.91
C ARG A 64 -5.61 5.36 21.70
N PHE A 65 -5.86 4.25 20.99
CA PHE A 65 -6.44 3.07 21.63
C PHE A 65 -5.46 1.92 21.94
N ARG A 66 -4.24 1.97 21.39
CA ARG A 66 -3.18 1.00 21.69
C ARG A 66 -3.62 -0.48 21.64
N PRO A 67 -4.22 -0.93 20.51
CA PRO A 67 -4.59 -2.37 20.44
C PRO A 67 -3.41 -3.33 20.43
N GLU A 68 -3.68 -4.57 20.85
CA GLU A 68 -2.67 -5.62 20.79
C GLU A 68 -2.54 -6.28 19.42
N ALA A 69 -3.53 -6.07 18.57
CA ALA A 69 -3.58 -6.69 17.25
C ALA A 69 -4.42 -5.88 16.27
N VAL A 70 -4.06 -5.93 14.99
CA VAL A 70 -4.91 -5.43 13.91
C VAL A 70 -5.40 -6.51 12.95
N ALA A 71 -6.71 -6.62 12.74
CA ALA A 71 -7.16 -7.63 11.79
C ALA A 71 -7.77 -6.98 10.56
N VAL A 72 -7.42 -7.52 9.40
CA VAL A 72 -7.86 -7.02 8.10
C VAL A 72 -8.55 -8.08 7.26
N GLN A 73 -9.47 -7.67 6.40
CA GLN A 73 -10.10 -8.65 5.53
C GLN A 73 -9.28 -9.12 4.34
N GLU A 74 -9.10 -10.44 4.25
CA GLU A 74 -8.44 -11.08 3.11
C GLU A 74 -9.40 -11.02 1.95
N GLN A 75 -8.93 -11.13 0.71
CA GLN A 75 -9.89 -11.30 -0.40
C GLN A 75 -9.39 -12.26 -1.46
N PHE A 76 -10.31 -12.94 -2.14
CA PHE A 76 -9.98 -14.11 -2.96
C PHE A 76 -10.01 -13.89 -4.47
N PHE A 77 -11.12 -13.34 -4.99
CA PHE A 77 -11.17 -13.02 -6.41
C PHE A 77 -11.00 -11.51 -6.58
N TYR A 78 -10.69 -11.09 -7.80
CA TYR A 78 -10.57 -9.67 -8.14
C TYR A 78 -10.73 -9.55 -9.63
N ARG A 79 -11.95 -9.29 -10.10
CA ARG A 79 -12.25 -9.33 -11.53
C ARG A 79 -11.32 -8.45 -12.36
N GLN A 80 -11.07 -7.23 -11.90
CA GLN A 80 -10.17 -6.33 -12.60
C GLN A 80 -8.94 -6.05 -11.76
N ASN A 81 -7.83 -6.71 -12.12
CA ASN A 81 -6.51 -6.52 -11.53
C ASN A 81 -6.20 -5.13 -10.96
N GLU A 82 -6.72 -4.09 -11.61
CA GLU A 82 -6.51 -2.71 -11.19
C GLU A 82 -7.17 -2.44 -9.85
N LEU A 83 -8.34 -3.02 -9.65
CA LEU A 83 -9.01 -2.93 -8.37
C LEU A 83 -8.09 -3.43 -7.26
N ALA A 84 -7.52 -4.62 -7.46
CA ALA A 84 -6.70 -5.29 -6.46
C ALA A 84 -5.58 -4.32 -6.06
N TYR A 85 -5.00 -3.68 -7.08
CA TYR A 85 -3.90 -2.72 -6.92
C TYR A 85 -4.26 -1.57 -5.99
N LYS A 86 -5.42 -0.97 -6.16
CA LYS A 86 -5.75 0.21 -5.38
C LYS A 86 -6.05 -0.21 -3.94
N VAL A 87 -6.68 -1.36 -3.80
CA VAL A 87 -6.82 -1.96 -2.47
C VAL A 87 -5.47 -2.28 -1.85
N GLY A 88 -4.53 -2.66 -2.70
CA GLY A 88 -3.18 -2.86 -2.25
C GLY A 88 -2.64 -1.57 -1.69
N TRP A 89 -2.94 -0.45 -2.36
CA TRP A 89 -2.53 0.86 -1.87
C TRP A 89 -2.99 1.11 -0.46
N ALA A 90 -4.26 0.82 -0.25
CA ALA A 90 -4.88 1.03 1.04
C ALA A 90 -4.21 0.20 2.13
N LEU A 91 -3.96 -1.06 1.85
CA LEU A 91 -3.31 -1.90 2.84
C LEU A 91 -1.91 -1.38 3.10
N GLY A 92 -1.25 -0.84 2.08
CA GLY A 92 0.06 -0.28 2.33
C GLY A 92 0.10 0.83 3.37
N ALA A 93 -0.86 1.77 3.30
CA ALA A 93 -0.94 2.86 4.28
C ALA A 93 -1.14 2.31 5.68
N VAL A 94 -1.99 1.30 5.74
CA VAL A 94 -2.25 0.61 6.98
C VAL A 94 -0.99 -0.02 7.59
N LEU A 95 -0.25 -0.67 6.71
CA LEU A 95 0.94 -1.37 7.10
C LEU A 95 2.04 -0.47 7.61
N VAL A 96 2.16 0.69 6.98
CA VAL A 96 3.15 1.63 7.44
C VAL A 96 2.73 2.01 8.84
N ALA A 97 1.43 2.29 8.97
CA ALA A 97 0.82 2.65 10.22
C ALA A 97 0.99 1.52 11.26
N ALA A 98 0.74 0.28 10.85
CA ALA A 98 0.86 -0.85 11.74
C ALA A 98 2.33 -1.03 12.15
N PHE A 99 3.22 -0.77 11.19
CA PHE A 99 4.64 -0.84 11.43
C PHE A 99 5.10 0.19 12.43
N GLU A 100 4.65 1.42 12.21
CA GLU A 100 5.03 2.54 13.05
C GLU A 100 4.58 2.30 14.46
N ALA A 101 3.40 1.69 14.64
CA ALA A 101 2.86 1.52 15.98
C ALA A 101 3.41 0.26 16.66
N GLY A 102 4.05 -0.63 15.92
CA GLY A 102 4.59 -1.83 16.52
C GLY A 102 3.49 -2.83 16.86
N VAL A 103 2.50 -2.92 15.99
CA VAL A 103 1.35 -3.79 16.24
C VAL A 103 1.34 -4.88 15.20
N PRO A 104 1.30 -6.15 15.66
CA PRO A 104 1.28 -7.22 14.68
C PRO A 104 -0.03 -7.22 13.90
N VAL A 105 0.08 -7.68 12.65
CA VAL A 105 -1.01 -7.61 11.71
C VAL A 105 -1.47 -9.01 11.31
N TYR A 106 -2.78 -9.20 11.28
CA TYR A 106 -3.35 -10.49 10.95
C TYR A 106 -4.41 -10.34 9.84
N ALA A 107 -4.55 -11.35 9.00
CA ALA A 107 -5.51 -11.28 7.90
C ALA A 107 -6.35 -12.53 7.87
N TYR A 108 -7.64 -12.36 7.60
CA TYR A 108 -8.61 -13.44 7.61
C TYR A 108 -9.51 -13.46 6.38
N GLY A 109 -9.82 -14.65 5.84
CA GLY A 109 -10.76 -14.68 4.72
C GLY A 109 -12.21 -14.72 5.15
N PRO A 110 -13.12 -14.50 4.18
CA PRO A 110 -14.55 -14.42 4.46
C PRO A 110 -15.19 -15.66 5.06
N MET A 111 -14.76 -16.83 4.61
CA MET A 111 -15.34 -18.05 5.14
C MET A 111 -14.89 -18.26 6.59
N GLN A 112 -13.67 -17.84 6.86
CA GLN A 112 -13.14 -17.90 8.21
C GLN A 112 -14.01 -17.02 9.10
N VAL A 113 -14.35 -15.83 8.61
CA VAL A 113 -15.26 -14.94 9.34
C VAL A 113 -16.65 -15.53 9.53
N LYS A 114 -17.25 -16.02 8.45
CA LYS A 114 -18.60 -16.57 8.49
C LYS A 114 -18.74 -17.79 9.38
N GLN A 115 -17.78 -18.69 9.29
CA GLN A 115 -17.75 -19.87 10.13
C GLN A 115 -17.53 -19.54 11.61
N ALA A 116 -16.59 -18.62 11.88
CA ALA A 116 -16.27 -18.26 13.25
C ALA A 116 -17.48 -17.66 13.92
N LEU A 117 -18.22 -16.83 13.19
CA LEU A 117 -19.30 -16.05 13.81
C LEU A 117 -20.73 -16.55 13.54
N ALA A 118 -20.94 -17.21 12.41
CA ALA A 118 -22.27 -17.73 12.07
C ALA A 118 -22.33 -19.26 12.03
N LYS A 125 -24.30 -12.88 4.79
CA LYS A 125 -23.82 -11.59 5.25
C LYS A 125 -24.78 -11.00 6.27
N GLU A 126 -26.07 -11.13 6.00
CA GLU A 126 -27.09 -10.64 6.91
C GLU A 126 -27.08 -11.44 8.21
N GLU A 127 -26.70 -12.71 8.10
CA GLU A 127 -26.59 -13.57 9.27
C GLU A 127 -25.41 -13.30 10.19
N VAL A 128 -24.28 -12.97 9.60
CA VAL A 128 -23.10 -12.56 10.34
C VAL A 128 -23.27 -11.27 11.15
N ALA A 129 -23.87 -10.28 10.51
CA ALA A 129 -24.15 -8.97 11.12
C ALA A 129 -24.97 -9.08 12.39
N LEU A 130 -25.95 -9.97 12.35
CA LEU A 130 -26.81 -10.23 13.49
C LEU A 130 -25.98 -10.71 14.69
N MET A 131 -25.01 -11.56 14.43
CA MET A 131 -24.12 -12.05 15.48
C MET A 131 -23.19 -10.98 16.04
N VAL A 132 -22.68 -10.12 15.17
CA VAL A 132 -21.88 -8.98 15.62
C VAL A 132 -22.63 -8.01 16.52
N ARG A 133 -23.85 -7.67 16.10
CA ARG A 133 -24.75 -6.84 16.88
C ARG A 133 -24.92 -7.43 18.27
N GLY A 134 -25.15 -8.74 18.29
CA GLY A 134 -25.38 -9.49 19.52
C GLY A 134 -24.21 -9.51 20.49
N ILE A 135 -23.02 -9.80 19.98
CA ILE A 135 -21.87 -9.93 20.85
C ILE A 135 -21.55 -8.59 21.51
N LEU A 136 -21.77 -7.50 20.78
CA LEU A 136 -21.46 -6.16 21.27
C LEU A 136 -22.61 -5.49 22.01
N GLY A 137 -23.74 -6.18 22.07
CA GLY A 137 -24.92 -5.70 22.77
C GLY A 137 -25.57 -4.43 22.25
N LEU A 138 -25.51 -4.19 20.95
CA LEU A 138 -26.05 -2.96 20.40
C LEU A 138 -27.55 -3.04 20.08
N LYS A 139 -28.25 -1.91 20.13
CA LYS A 139 -29.65 -1.95 19.71
C LYS A 139 -29.85 -2.40 18.30
N GLU A 140 -29.04 -1.88 17.39
CA GLU A 140 -29.20 -2.17 15.99
C GLU A 140 -27.89 -2.63 15.37
N ALA A 141 -28.00 -3.30 14.23
CA ALA A 141 -26.85 -3.66 13.44
C ALA A 141 -26.10 -2.40 13.04
N PRO A 142 -24.77 -2.46 13.03
CA PRO A 142 -23.92 -1.31 12.71
C PRO A 142 -23.97 -0.89 11.24
N ARG A 143 -23.83 0.40 10.98
CA ARG A 143 -23.83 0.90 9.62
C ARG A 143 -22.68 1.88 9.46
N PRO A 144 -22.21 2.06 8.21
CA PRO A 144 -22.60 1.33 7.00
C PRO A 144 -21.89 -0.01 6.86
N SER A 145 -22.05 -0.65 5.71
CA SER A 145 -21.65 -2.04 5.53
C SER A 145 -20.17 -2.28 5.74
N HIS A 146 -19.36 -1.32 5.31
CA HIS A 146 -17.90 -1.41 5.41
C HIS A 146 -17.37 -1.37 6.86
N LEU A 147 -18.08 -0.65 7.73
CA LEU A 147 -17.74 -0.63 9.15
C LEU A 147 -18.13 -1.92 9.83
N ALA A 148 -19.34 -2.36 9.52
CA ALA A 148 -19.84 -3.61 10.03
C ALA A 148 -18.87 -4.77 9.76
N ASP A 149 -18.39 -4.82 8.52
CA ASP A 149 -17.47 -5.86 8.07
C ASP A 149 -16.14 -5.80 8.81
N ALA A 150 -15.64 -4.59 8.99
CA ALA A 150 -14.39 -4.35 9.68
C ALA A 150 -14.44 -4.92 11.09
N LEU A 151 -15.56 -4.70 11.74
CA LEU A 151 -15.79 -5.18 13.08
C LEU A 151 -15.83 -6.68 13.15
N ALA A 152 -16.43 -7.29 12.14
CA ALA A 152 -16.49 -8.74 12.06
C ALA A 152 -15.10 -9.33 11.98
N ILE A 153 -14.24 -8.66 11.24
CA ILE A 153 -12.87 -9.09 11.10
C ILE A 153 -12.13 -9.03 12.43
N ALA A 154 -12.36 -7.95 13.18
CA ALA A 154 -11.76 -7.80 14.49
C ALA A 154 -12.20 -8.94 15.41
N LEU A 155 -13.48 -9.26 15.32
CA LEU A 155 -14.07 -10.26 16.18
C LEU A 155 -13.65 -11.69 15.79
N THR A 156 -13.45 -11.89 14.50
CA THR A 156 -12.92 -13.14 13.99
C THR A 156 -11.53 -13.42 14.53
N HIS A 157 -10.67 -12.40 14.49
CA HIS A 157 -9.32 -12.52 15.04
C HIS A 157 -9.32 -12.89 16.51
N ALA A 158 -10.16 -12.23 17.28
CA ALA A 158 -10.27 -12.47 18.70
C ALA A 158 -10.61 -13.93 18.95
N PHE A 159 -11.51 -14.46 18.12
CA PHE A 159 -11.95 -15.84 18.24
C PHE A 159 -10.82 -16.81 18.01
N TYR A 160 -10.07 -16.60 16.94
CA TYR A 160 -8.92 -17.44 16.62
C TYR A 160 -7.81 -17.25 17.64
N ALA A 161 -7.64 -16.01 18.06
CA ALA A 161 -6.64 -15.65 19.06
C ALA A 161 -6.95 -16.38 20.38
N ARG A 162 -8.23 -16.42 20.73
CA ARG A 162 -8.69 -17.09 21.95
C ARG A 162 -8.32 -18.57 21.94
N MET A 163 -8.33 -19.19 20.77
CA MET A 163 -7.95 -20.60 20.66
C MET A 163 -6.49 -20.78 20.24
N GLY A 164 -5.74 -19.68 20.20
CA GLY A 164 -4.31 -19.74 19.95
C GLY A 164 -3.90 -19.94 18.50
N THR A 165 -4.85 -19.83 17.59
CA THR A 165 -4.57 -20.00 16.18
C THR A 165 -4.57 -18.66 15.44
N ALA A 166 -3.60 -17.82 15.78
CA ALA A 166 -3.49 -16.52 15.12
C ALA A 166 -3.03 -16.72 13.68
N LYS A 167 -3.31 -15.73 12.82
CA LYS A 167 -3.01 -15.83 11.39
C LYS A 167 -2.36 -14.55 10.87
N PRO A 168 -1.04 -14.39 11.09
CA PRO A 168 -0.30 -13.14 10.80
C PRO A 168 -0.23 -12.80 9.31
N LEU A 169 0.49 -11.75 8.96
CA LEU A 169 0.59 -11.40 7.55
C LEU A 169 2.05 -11.23 7.16
N HIS B 3 19.51 21.01 -13.51
CA HIS B 3 18.41 21.93 -13.28
C HIS B 3 17.16 21.21 -12.73
N MET B 4 16.86 20.05 -13.30
CA MET B 4 15.69 19.26 -12.95
C MET B 4 15.98 17.93 -12.25
N VAL B 5 15.34 17.70 -11.10
CA VAL B 5 15.53 16.44 -10.39
C VAL B 5 14.29 15.53 -10.33
N VAL B 6 14.50 14.29 -10.77
CA VAL B 6 13.43 13.31 -10.92
C VAL B 6 13.79 11.99 -10.24
N ALA B 7 12.87 11.46 -9.43
CA ALA B 7 12.99 10.11 -8.88
C ALA B 7 12.25 9.03 -9.71
N GLY B 8 12.87 7.88 -9.95
CA GLY B 8 12.17 6.82 -10.65
C GLY B 8 12.01 5.59 -9.77
N ILE B 9 10.87 4.92 -9.93
CA ILE B 9 10.55 3.72 -9.13
C ILE B 9 9.96 2.53 -9.89
N ASP B 10 10.49 1.35 -9.59
CA ASP B 10 9.98 0.11 -10.13
C ASP B 10 9.54 -0.71 -8.93
N PRO B 11 8.22 -0.75 -8.73
CA PRO B 11 7.62 -1.35 -7.53
C PRO B 11 7.46 -2.86 -7.54
N GLY B 12 7.50 -3.39 -6.33
CA GLY B 12 7.45 -4.81 -6.07
C GLY B 12 7.62 -5.04 -4.58
N ILE B 13 7.19 -6.19 -4.08
CA ILE B 13 7.34 -6.42 -2.66
C ILE B 13 8.72 -7.01 -2.34
N THR B 14 9.27 -7.82 -3.25
CA THR B 14 10.57 -8.46 -3.01
C THR B 14 11.75 -7.61 -3.38
N HIS B 15 11.66 -6.92 -4.51
CA HIS B 15 12.72 -6.02 -4.90
C HIS B 15 12.00 -4.76 -5.26
N LEU B 16 12.55 -3.63 -4.87
CA LEU B 16 11.98 -2.39 -5.34
C LEU B 16 13.07 -1.46 -5.80
N GLY B 17 13.02 -1.15 -7.08
CA GLY B 17 14.01 -0.29 -7.65
C GLY B 17 13.72 1.16 -7.37
N LEU B 18 14.78 1.88 -7.03
CA LEU B 18 14.68 3.27 -6.62
C LEU B 18 15.86 4.08 -7.14
N GLY B 19 15.60 4.96 -8.09
CA GLY B 19 16.66 5.73 -8.71
C GLY B 19 16.34 7.20 -8.71
N VAL B 20 17.37 8.05 -8.81
CA VAL B 20 17.19 9.50 -8.89
C VAL B 20 18.10 10.10 -9.96
N VAL B 21 17.56 10.99 -10.79
CA VAL B 21 18.36 11.62 -11.84
C VAL B 21 18.20 13.15 -11.84
N ALA B 22 19.23 13.83 -12.33
CA ALA B 22 19.20 15.29 -12.50
C ALA B 22 19.34 15.70 -13.96
N VAL B 23 18.31 16.31 -14.53
CA VAL B 23 18.32 16.59 -15.96
C VAL B 23 18.87 17.96 -16.33
N LEU B 29 18.66 15.77 -24.54
CA LEU B 29 18.28 15.18 -23.25
C LEU B 29 19.43 14.39 -22.62
N LYS B 30 19.89 14.86 -21.48
CA LYS B 30 21.04 14.29 -20.80
C LYS B 30 20.90 14.48 -19.31
N ALA B 31 21.26 13.46 -18.52
CA ALA B 31 21.15 13.57 -17.08
C ALA B 31 22.23 12.82 -16.32
N ARG B 32 22.37 13.16 -15.05
CA ARG B 32 23.30 12.50 -14.14
C ARG B 32 22.63 11.62 -13.08
N LEU B 33 23.20 10.45 -12.86
CA LEU B 33 22.74 9.55 -11.81
C LEU B 33 23.16 10.05 -10.43
N LEU B 34 22.15 10.39 -9.63
CA LEU B 34 22.38 10.89 -8.29
C LEU B 34 22.35 9.79 -7.24
N HIS B 35 21.49 8.80 -7.47
CA HIS B 35 21.30 7.74 -6.50
C HIS B 35 20.63 6.55 -7.13
N GLY B 36 21.05 5.35 -6.75
CA GLY B 36 20.37 4.15 -7.16
C GLY B 36 20.44 3.06 -6.13
N GLU B 37 19.29 2.48 -5.74
CA GLU B 37 19.32 1.31 -4.84
C GLU B 37 18.15 0.37 -5.12
N VAL B 38 18.24 -0.86 -4.64
CA VAL B 38 17.08 -1.75 -4.66
C VAL B 38 16.78 -2.26 -3.26
N VAL B 39 15.55 -2.05 -2.81
CA VAL B 39 15.07 -2.55 -1.52
C VAL B 39 14.58 -3.99 -1.47
N LYS B 40 15.28 -4.84 -0.72
CA LYS B 40 15.00 -6.26 -0.74
C LYS B 40 14.34 -6.77 0.54
N THR B 41 13.09 -7.21 0.47
CA THR B 41 12.37 -7.65 1.66
C THR B 41 11.90 -9.10 1.48
N SER B 42 11.94 -9.90 2.51
CA SER B 42 11.54 -11.29 2.56
C SER B 42 10.12 -11.76 2.93
N PRO B 43 9.62 -12.86 2.34
CA PRO B 43 8.35 -13.47 2.75
C PRO B 43 8.42 -13.94 4.22
N GLN B 44 9.63 -14.13 4.77
CA GLN B 44 9.71 -14.66 6.13
C GLN B 44 9.62 -13.53 7.12
N GLU B 45 9.64 -12.34 6.57
CA GLU B 45 9.52 -11.09 7.28
C GLU B 45 7.99 -10.86 7.52
N PRO B 46 7.57 -10.34 8.68
CA PRO B 46 6.16 -9.96 8.91
C PRO B 46 5.73 -8.96 7.83
N ALA B 47 4.52 -9.04 7.30
CA ALA B 47 4.08 -8.10 6.25
C ALA B 47 4.41 -6.67 6.64
N LYS B 48 4.09 -6.30 7.86
CA LYS B 48 4.24 -4.93 8.32
C LYS B 48 5.69 -4.48 8.34
N GLU B 49 6.63 -5.41 8.53
CA GLU B 49 8.06 -5.06 8.57
C GLU B 49 8.59 -4.81 7.17
N ARG B 50 8.09 -5.62 6.24
CA ARG B 50 8.44 -5.49 4.85
C ARG B 50 8.11 -4.14 4.25
N VAL B 51 6.86 -3.75 4.44
CA VAL B 51 6.37 -2.49 3.87
C VAL B 51 6.89 -1.29 4.65
N GLY B 52 6.98 -1.44 5.97
CA GLY B 52 7.49 -0.39 6.84
C GLY B 52 8.91 0.03 6.48
N ARG B 53 9.77 -0.94 6.23
CA ARG B 53 11.13 -0.64 5.77
C ARG B 53 11.07 0.11 4.46
N ILE B 54 10.22 -0.36 3.56
CA ILE B 54 10.04 0.30 2.27
C ILE B 54 9.68 1.76 2.42
N HIS B 55 8.68 2.05 3.23
CA HIS B 55 8.25 3.41 3.44
C HIS B 55 9.42 4.26 3.98
N ALA B 56 10.11 3.71 4.99
CA ALA B 56 11.20 4.45 5.62
C ALA B 56 12.33 4.78 4.67
N ARG B 57 12.73 3.84 3.83
CA ARG B 57 13.81 4.12 2.90
C ARG B 57 13.44 5.15 1.88
N VAL B 58 12.22 5.07 1.39
CA VAL B 58 11.73 6.00 0.39
C VAL B 58 11.65 7.40 1.02
N LEU B 59 11.10 7.45 2.22
CA LEU B 59 10.97 8.72 2.90
C LEU B 59 12.32 9.36 3.14
N GLU B 60 13.29 8.56 3.56
CA GLU B 60 14.64 9.04 3.80
C GLU B 60 15.24 9.64 2.54
N VAL B 61 15.07 8.92 1.44
CA VAL B 61 15.57 9.31 0.13
C VAL B 61 14.98 10.61 -0.40
N LEU B 62 13.65 10.73 -0.27
CA LEU B 62 12.92 11.90 -0.70
C LEU B 62 13.43 13.11 0.07
N HIS B 63 13.66 12.90 1.36
CA HIS B 63 14.16 13.96 2.22
C HIS B 63 15.56 14.44 1.85
N ARG B 64 16.43 13.49 1.57
CA ARG B 64 17.82 13.81 1.25
C ARG B 64 18.00 14.53 -0.09
N PHE B 65 17.25 14.13 -1.10
CA PHE B 65 17.48 14.64 -2.46
C PHE B 65 16.43 15.64 -2.98
N ARG B 66 15.31 15.77 -2.28
CA ARG B 66 14.28 16.77 -2.61
C ARG B 66 13.89 16.85 -4.10
N PRO B 67 13.48 15.73 -4.73
CA PRO B 67 13.06 15.78 -6.14
C PRO B 67 11.81 16.60 -6.39
N GLU B 68 11.65 17.10 -7.61
CA GLU B 68 10.44 17.82 -7.99
C GLU B 68 9.30 16.88 -8.40
N ALA B 69 9.64 15.62 -8.69
CA ALA B 69 8.65 14.64 -9.17
C ALA B 69 9.08 13.22 -8.81
N VAL B 70 8.12 12.34 -8.55
CA VAL B 70 8.35 10.89 -8.53
C VAL B 70 7.70 10.10 -9.67
N ALA B 71 8.45 9.27 -10.38
CA ALA B 71 7.81 8.51 -11.44
C ALA B 71 7.86 7.03 -11.12
N VAL B 72 6.72 6.36 -11.31
CA VAL B 72 6.55 4.93 -11.02
C VAL B 72 6.10 4.15 -12.26
N GLN B 73 6.51 2.88 -12.35
CA GLN B 73 6.05 2.02 -13.44
C GLN B 73 4.58 1.56 -13.38
N GLU B 74 3.79 1.91 -14.40
CA GLU B 74 2.42 1.43 -14.53
C GLU B 74 2.50 -0.06 -14.89
N GLN B 75 1.45 -0.85 -14.69
CA GLN B 75 1.45 -2.22 -15.21
C GLN B 75 0.07 -2.62 -15.75
N PHE B 76 0.06 -3.50 -16.75
CA PHE B 76 -1.13 -3.76 -17.55
C PHE B 76 -1.85 -5.07 -17.25
N PHE B 77 -1.12 -6.18 -17.33
CA PHE B 77 -1.70 -7.47 -16.98
C PHE B 77 -1.22 -7.88 -15.59
N TYR B 78 -1.92 -8.84 -15.00
CA TYR B 78 -1.54 -9.39 -13.70
C TYR B 78 -2.18 -10.75 -13.57
N ARG B 79 -1.44 -11.79 -13.94
CA ARG B 79 -2.01 -13.14 -14.04
C ARG B 79 -2.74 -13.56 -12.77
N GLN B 80 -2.12 -13.33 -11.62
CA GLN B 80 -2.75 -13.67 -10.35
C GLN B 80 -3.03 -12.41 -9.55
N ASN B 81 -4.31 -12.04 -9.51
CA ASN B 81 -4.84 -10.92 -8.72
C ASN B 81 -4.10 -10.62 -7.40
N GLU B 82 -3.59 -11.65 -6.74
CA GLU B 82 -2.89 -11.56 -5.46
C GLU B 82 -1.61 -10.79 -5.65
N LEU B 83 -0.90 -11.09 -6.73
CA LEU B 83 0.30 -10.37 -7.06
C LEU B 83 0.04 -8.87 -7.19
N ALA B 84 -1.00 -8.48 -7.92
CA ALA B 84 -1.39 -7.08 -8.07
C ALA B 84 -1.51 -6.42 -6.69
N TYR B 85 -2.17 -7.12 -5.78
CA TYR B 85 -2.44 -6.67 -4.42
C TYR B 85 -1.16 -6.33 -3.68
N LYS B 86 -0.17 -7.22 -3.72
CA LYS B 86 1.02 -7.01 -2.94
C LYS B 86 1.83 -5.86 -3.51
N VAL B 87 1.78 -5.74 -4.83
CA VAL B 87 2.37 -4.58 -5.49
C VAL B 87 1.60 -3.34 -5.10
N GLY B 88 0.29 -3.47 -4.95
CA GLY B 88 -0.47 -2.36 -4.46
C GLY B 88 0.02 -1.93 -3.09
N TRP B 89 0.40 -2.90 -2.27
CA TRP B 89 0.94 -2.61 -0.95
C TRP B 89 2.16 -1.72 -1.03
N ALA B 90 3.01 -2.08 -1.97
CA ALA B 90 4.25 -1.37 -2.15
C ALA B 90 4.00 0.07 -2.61
N LEU B 91 3.11 0.24 -3.56
CA LEU B 91 2.81 1.59 -3.99
C LEU B 91 2.19 2.38 -2.86
N GLY B 92 1.42 1.73 -2.00
CA GLY B 92 0.88 2.45 -0.86
C GLY B 92 1.93 3.10 0.03
N ALA B 93 2.99 2.36 0.36
CA ALA B 93 4.09 2.88 1.20
C ALA B 93 4.73 4.06 0.54
N VAL B 94 4.89 3.94 -0.76
CA VAL B 94 5.44 4.99 -1.57
C VAL B 94 4.59 6.27 -1.50
N LEU B 95 3.29 6.08 -1.63
CA LEU B 95 2.35 7.16 -1.67
C LEU B 95 2.26 7.91 -0.38
N VAL B 96 2.32 7.18 0.72
CA VAL B 96 2.35 7.84 2.01
C VAL B 96 3.57 8.73 2.05
N ALA B 97 4.69 8.11 1.63
CA ALA B 97 5.99 8.78 1.54
C ALA B 97 5.91 9.99 0.60
N ALA B 98 5.28 9.80 -0.55
CA ALA B 98 5.17 10.88 -1.53
C ALA B 98 4.29 11.99 -0.97
N PHE B 99 3.22 11.57 -0.29
CA PHE B 99 2.31 12.49 0.39
C PHE B 99 3.01 13.32 1.44
N GLU B 100 3.76 12.64 2.30
CA GLU B 100 4.45 13.27 3.41
C GLU B 100 5.47 14.28 2.90
N ALA B 101 6.11 13.97 1.77
CA ALA B 101 7.12 14.87 1.22
C ALA B 101 6.53 16.01 0.38
N GLY B 102 5.26 15.92 0.02
CA GLY B 102 4.66 16.94 -0.81
C GLY B 102 5.19 16.94 -2.23
N VAL B 103 5.42 15.74 -2.74
CA VAL B 103 5.95 15.55 -4.08
C VAL B 103 4.92 14.93 -5.01
N PRO B 104 4.61 15.61 -6.12
CA PRO B 104 3.58 15.02 -6.98
C PRO B 104 4.07 13.72 -7.60
N VAL B 105 3.11 12.84 -7.88
CA VAL B 105 3.41 11.50 -8.32
C VAL B 105 2.89 11.25 -9.72
N TYR B 106 3.70 10.60 -10.54
CA TYR B 106 3.32 10.36 -11.91
C TYR B 106 3.54 8.87 -12.24
N ALA B 107 2.79 8.35 -13.20
CA ALA B 107 2.89 6.92 -13.53
C ALA B 107 2.87 6.77 -15.02
N TYR B 108 3.69 5.84 -15.49
CA TYR B 108 3.88 5.63 -16.92
C TYR B 108 3.90 4.16 -17.32
N GLY B 109 3.29 3.83 -18.45
CA GLY B 109 3.28 2.45 -18.91
C GLY B 109 4.53 2.07 -19.71
N PRO B 110 4.77 0.76 -19.89
CA PRO B 110 5.97 0.24 -20.56
C PRO B 110 6.19 0.77 -21.99
N MET B 111 5.13 0.86 -22.78
CA MET B 111 5.24 1.35 -24.16
C MET B 111 5.55 2.82 -24.19
N GLN B 112 5.04 3.54 -23.21
CA GLN B 112 5.43 4.93 -23.06
C GLN B 112 6.91 5.05 -22.80
N VAL B 113 7.43 4.18 -21.94
CA VAL B 113 8.86 4.14 -21.68
C VAL B 113 9.71 3.75 -22.91
N LYS B 114 9.31 2.65 -23.55
CA LYS B 114 10.04 2.12 -24.71
C LYS B 114 10.07 3.11 -25.88
N GLN B 115 8.94 3.77 -26.11
CA GLN B 115 8.86 4.74 -27.18
C GLN B 115 9.62 6.00 -26.89
N ALA B 116 9.49 6.49 -25.66
CA ALA B 116 10.19 7.69 -25.24
C ALA B 116 11.70 7.51 -25.41
N LEU B 117 12.20 6.34 -25.03
CA LEU B 117 13.65 6.13 -24.94
C LEU B 117 14.29 5.30 -26.07
N ALA B 118 13.52 4.42 -26.71
CA ALA B 118 14.06 3.58 -27.78
C ALA B 118 13.37 3.86 -29.11
N ALA B 124 13.12 -3.27 -27.42
CA ALA B 124 13.58 -4.38 -26.58
C ALA B 124 14.01 -3.86 -25.22
N LYS B 125 13.73 -4.64 -24.17
CA LYS B 125 14.23 -4.32 -22.84
C LYS B 125 15.73 -4.06 -22.88
N GLU B 126 16.43 -4.90 -23.64
CA GLU B 126 17.87 -4.76 -23.79
C GLU B 126 18.19 -3.47 -24.54
N GLU B 127 17.32 -3.10 -25.46
CA GLU B 127 17.48 -1.86 -26.22
C GLU B 127 17.28 -0.57 -25.42
N VAL B 128 16.26 -0.55 -24.58
CA VAL B 128 16.03 0.54 -23.64
C VAL B 128 17.18 0.83 -22.67
N ALA B 129 17.72 -0.23 -22.07
CA ALA B 129 18.82 -0.16 -21.11
C ALA B 129 20.04 0.51 -21.71
N LEU B 130 20.31 0.20 -22.97
CA LEU B 130 21.42 0.78 -23.68
C LEU B 130 21.23 2.29 -23.75
N MET B 131 19.99 2.74 -23.96
CA MET B 131 19.79 4.18 -24.04
C MET B 131 19.91 4.88 -22.69
N VAL B 132 19.47 4.22 -21.62
CA VAL B 132 19.66 4.74 -20.27
C VAL B 132 21.13 4.88 -19.87
N ARG B 133 21.91 3.84 -20.15
CA ARG B 133 23.35 3.86 -19.95
C ARG B 133 23.96 5.09 -20.62
N GLY B 134 23.52 5.32 -21.86
CA GLY B 134 24.05 6.38 -22.69
C GLY B 134 23.73 7.78 -22.21
N ILE B 135 22.49 8.02 -21.82
CA ILE B 135 22.06 9.35 -21.38
C ILE B 135 22.81 9.74 -20.11
N LEU B 136 23.08 8.76 -19.25
CA LEU B 136 23.73 9.02 -17.97
C LEU B 136 25.25 8.91 -18.02
N GLY B 137 25.77 8.55 -19.17
CA GLY B 137 27.19 8.46 -19.40
C GLY B 137 27.96 7.40 -18.63
N LEU B 138 27.30 6.29 -18.30
CA LEU B 138 27.93 5.26 -17.48
C LEU B 138 28.79 4.32 -18.33
N LYS B 139 29.80 3.69 -17.73
CA LYS B 139 30.64 2.69 -18.40
C LYS B 139 29.80 1.49 -18.80
N GLU B 140 28.93 1.07 -17.89
CA GLU B 140 28.12 -0.11 -18.16
C GLU B 140 26.66 0.08 -17.79
N ALA B 141 25.83 -0.79 -18.36
CA ALA B 141 24.40 -0.80 -18.07
C ALA B 141 24.26 -1.03 -16.58
N PRO B 142 23.24 -0.39 -15.97
CA PRO B 142 23.01 -0.50 -14.52
C PRO B 142 22.44 -1.85 -14.10
N ARG B 143 22.78 -2.28 -12.90
CA ARG B 143 22.22 -3.50 -12.36
C ARG B 143 21.82 -3.33 -10.93
N PRO B 144 20.89 -4.19 -10.46
CA PRO B 144 20.18 -5.24 -11.21
C PRO B 144 18.96 -4.69 -11.99
N SER B 145 18.20 -5.58 -12.60
CA SER B 145 17.17 -5.22 -13.56
C SER B 145 16.14 -4.25 -13.01
N HIS B 146 15.75 -4.43 -11.75
CA HIS B 146 14.74 -3.59 -11.12
C HIS B 146 15.17 -2.13 -10.88
N LEU B 147 16.46 -1.91 -10.69
CA LEU B 147 17.03 -0.56 -10.55
C LEU B 147 17.06 0.11 -11.92
N ALA B 148 17.56 -0.65 -12.89
CA ALA B 148 17.62 -0.18 -14.26
C ALA B 148 16.26 0.32 -14.77
N ASP B 149 15.22 -0.45 -14.47
CA ASP B 149 13.87 -0.12 -14.92
C ASP B 149 13.33 1.12 -14.21
N ALA B 150 13.64 1.24 -12.93
CA ALA B 150 13.25 2.40 -12.13
C ALA B 150 13.78 3.68 -12.73
N LEU B 151 15.03 3.62 -13.17
CA LEU B 151 15.71 4.76 -13.76
C LEU B 151 15.11 5.15 -15.10
N ALA B 152 14.70 4.14 -15.87
CA ALA B 152 14.00 4.34 -17.14
C ALA B 152 12.73 5.11 -16.93
N ILE B 153 12.04 4.80 -15.85
CA ILE B 153 10.80 5.45 -15.53
C ILE B 153 11.03 6.91 -15.19
N ALA B 154 12.08 7.17 -14.44
CA ALA B 154 12.45 8.53 -14.06
C ALA B 154 12.73 9.33 -15.32
N LEU B 155 13.43 8.70 -16.25
CA LEU B 155 13.87 9.37 -17.46
C LEU B 155 12.71 9.59 -18.43
N THR B 156 11.77 8.65 -18.43
CA THR B 156 10.56 8.77 -19.23
C THR B 156 9.74 9.97 -18.79
N HIS B 157 9.58 10.13 -17.47
CA HIS B 157 8.87 11.28 -16.94
C HIS B 157 9.50 12.61 -17.35
N ALA B 158 10.82 12.68 -17.24
CA ALA B 158 11.57 13.87 -17.61
C ALA B 158 11.27 14.25 -19.05
N PHE B 159 11.22 13.24 -19.91
CA PHE B 159 10.96 13.42 -21.32
C PHE B 159 9.59 14.02 -21.57
N TYR B 160 8.58 13.44 -20.95
CA TYR B 160 7.22 13.96 -21.07
C TYR B 160 7.07 15.30 -20.39
N ALA B 161 7.75 15.46 -19.28
CA ALA B 161 7.74 16.70 -18.54
C ALA B 161 8.35 17.83 -19.37
N ARG B 162 9.42 17.49 -20.09
CA ARG B 162 10.09 18.45 -20.98
C ARG B 162 9.16 18.97 -22.06
N MET B 163 8.25 18.11 -22.52
CA MET B 163 7.28 18.53 -23.54
C MET B 163 5.96 18.98 -22.93
N GLY B 164 5.89 19.04 -21.61
CA GLY B 164 4.71 19.57 -20.92
C GLY B 164 3.55 18.61 -20.81
N THR B 165 3.77 17.34 -21.12
CA THR B 165 2.71 16.34 -21.04
C THR B 165 2.93 15.41 -19.85
N ALA B 166 2.81 15.96 -18.65
CA ALA B 166 2.96 15.16 -17.44
C ALA B 166 1.77 14.22 -17.29
N LYS B 167 1.96 13.15 -16.53
CA LYS B 167 0.92 12.13 -16.37
C LYS B 167 0.76 11.71 -14.91
N PRO B 168 0.03 12.52 -14.12
CA PRO B 168 -0.11 12.36 -12.66
C PRO B 168 -0.90 11.14 -12.24
N LEU B 169 -1.50 11.27 -11.06
CA LEU B 169 -2.31 10.23 -10.42
C LEU B 169 -1.43 9.15 -9.83
#